data_2DTC
#
_entry.id   2DTC
#
_cell.length_a   43.680
_cell.length_b   61.077
_cell.length_c   43.939
_cell.angle_alpha   90.00
_cell.angle_beta   104.72
_cell.angle_gamma   90.00
#
_symmetry.space_group_name_H-M   'P 1 21 1'
#
loop_
_entity.id
_entity.type
_entity.pdbx_description
1 polymer 'RAL GUANINE NUCLEOTIDE EXCHANGE FACTOR RALGPS1A'
2 water water
#
_entity_poly.entity_id   1
_entity_poly.type   'polypeptide(L)'
_entity_poly.pdbx_seq_one_letter_code
;PT(MSE)EGPLRRKTLLKEGRKPALSSWTRYWVVLSGATLLYYGAKSLRGTDRKHYKSTPGKKVSIVGW(MSE)VQLPDD
PEHPDIFQLNNPDKGNVYKFQTGSRFHAILWHKHLDDACKSSRPQVPANL(MSE)SFE
;
_entity_poly.pdbx_strand_id   A,B
#
# COMPACT_ATOMS: atom_id res chain seq x y z
N PRO A 1 -12.49 -5.06 5.29
CA PRO A 1 -11.39 -5.94 4.80
C PRO A 1 -10.18 -5.82 5.69
N THR A 2 -9.39 -6.89 5.72
CA THR A 2 -8.17 -6.99 6.49
C THR A 2 -6.96 -6.35 5.78
N GLU A 4 -5.81 -4.51 1.66
CA GLU A 4 -6.16 -4.13 0.28
C GLU A 4 -4.94 -3.50 -0.36
N GLY A 5 -4.87 -3.58 -1.67
CA GLY A 5 -3.76 -2.93 -2.35
C GLY A 5 -3.58 -3.36 -3.78
N PRO A 6 -2.74 -2.62 -4.53
CA PRO A 6 -2.48 -2.94 -5.92
C PRO A 6 -1.40 -4.00 -6.00
N LEU A 7 -1.74 -5.13 -6.61
CA LEU A 7 -0.78 -6.23 -6.77
C LEU A 7 -0.71 -6.67 -8.22
N ARG A 8 0.43 -7.27 -8.59
CA ARG A 8 0.56 -7.84 -9.93
C ARG A 8 0.69 -9.32 -9.64
N ARG A 9 -0.03 -10.15 -10.39
CA ARG A 9 0.02 -11.60 -10.16
C ARG A 9 0.50 -12.33 -11.39
N LYS A 10 1.27 -13.41 -11.19
CA LYS A 10 1.71 -14.26 -12.29
C LYS A 10 1.40 -15.70 -11.88
N THR A 11 0.81 -16.47 -12.78
CA THR A 11 0.49 -17.88 -12.48
C THR A 11 1.69 -18.76 -12.91
N LEU A 12 2.20 -19.52 -11.95
CA LEU A 12 3.35 -20.41 -12.14
C LEU A 12 2.88 -21.81 -12.45
N LEU A 13 1.80 -22.21 -11.80
CA LEU A 13 1.23 -23.54 -11.97
C LEU A 13 -0.29 -23.48 -11.84
N LYS A 14 -0.97 -24.24 -12.69
CA LYS A 14 -2.42 -24.30 -12.66
C LYS A 14 -2.73 -25.79 -12.82
N GLU A 15 -3.44 -26.35 -11.84
CA GLU A 15 -3.80 -27.76 -11.85
C GLU A 15 -2.58 -28.66 -12.03
N GLY A 16 -1.47 -28.19 -11.48
CA GLY A 16 -0.23 -28.96 -11.51
C GLY A 16 0.69 -28.78 -12.69
N ARG A 17 0.34 -27.91 -13.62
CA ARG A 17 1.19 -27.71 -14.77
C ARG A 17 1.37 -26.24 -15.09
N LYS A 18 2.54 -25.92 -15.65
CA LYS A 18 2.87 -24.55 -16.05
C LYS A 18 1.95 -24.08 -17.17
N PRO A 19 1.38 -22.87 -17.06
CA PRO A 19 0.50 -22.37 -18.13
C PRO A 19 1.27 -22.14 -19.43
N ALA A 20 0.58 -22.28 -20.56
CA ALA A 20 1.20 -22.08 -21.86
C ALA A 20 1.68 -20.64 -21.92
N LEU A 21 0.79 -19.73 -21.55
CA LEU A 21 1.08 -18.30 -21.51
C LEU A 21 1.08 -17.86 -20.05
N SER A 22 2.00 -16.96 -19.72
CA SER A 22 2.11 -16.44 -18.36
C SER A 22 2.72 -15.05 -18.40
N SER A 23 2.20 -14.16 -17.58
CA SER A 23 2.70 -12.80 -17.53
C SER A 23 2.18 -12.17 -16.26
N TRP A 24 2.58 -10.92 -16.02
CA TRP A 24 2.14 -10.20 -14.84
C TRP A 24 0.86 -9.47 -15.18
N THR A 25 -0.16 -9.63 -14.35
CA THR A 25 -1.44 -8.94 -14.58
C THR A 25 -1.72 -8.06 -13.39
N ARG A 26 -2.14 -6.81 -13.64
CA ARG A 26 -2.43 -5.84 -12.57
C ARG A 26 -3.84 -6.00 -11.99
N TYR A 27 -3.93 -6.00 -10.66
CA TYR A 27 -5.19 -6.14 -9.95
C TYR A 27 -5.25 -5.30 -8.69
N TRP A 28 -6.46 -4.97 -8.28
CA TRP A 28 -6.62 -4.37 -6.96
C TRP A 28 -7.08 -5.64 -6.23
N VAL A 29 -6.43 -5.98 -5.13
CA VAL A 29 -6.78 -7.20 -4.39
C VAL A 29 -7.26 -6.82 -3.01
N VAL A 30 -8.36 -7.44 -2.59
CA VAL A 30 -8.93 -7.20 -1.27
C VAL A 30 -9.04 -8.53 -0.53
N LEU A 31 -8.52 -8.57 0.70
CA LEU A 31 -8.60 -9.78 1.51
C LEU A 31 -9.72 -9.48 2.51
N SER A 32 -10.83 -10.17 2.32
CA SER A 32 -12.03 -10.03 3.14
C SER A 32 -12.24 -11.38 3.81
N GLY A 33 -11.97 -11.47 5.11
CA GLY A 33 -12.10 -12.74 5.81
C GLY A 33 -10.96 -13.63 5.30
N ALA A 34 -11.30 -14.76 4.68
CA ALA A 34 -10.27 -15.62 4.13
C ALA A 34 -10.46 -15.69 2.62
N THR A 35 -11.11 -14.67 2.08
CA THR A 35 -11.38 -14.63 0.64
C THR A 35 -10.64 -13.48 -0.02
N LEU A 36 -10.05 -13.78 -1.18
CA LEU A 36 -9.36 -12.74 -1.95
C LEU A 36 -10.28 -12.34 -3.07
N LEU A 37 -10.53 -11.04 -3.19
CA LEU A 37 -11.36 -10.56 -4.27
C LEU A 37 -10.41 -9.79 -5.16
N TYR A 38 -10.47 -10.06 -6.47
CA TYR A 38 -9.63 -9.43 -7.46
C TYR A 38 -10.44 -8.50 -8.36
N TYR A 39 -9.95 -7.29 -8.55
CA TYR A 39 -10.59 -6.31 -9.42
C TYR A 39 -9.61 -5.95 -10.51
N GLY A 40 -9.96 -6.22 -11.77
CA GLY A 40 -9.03 -5.92 -12.83
C GLY A 40 -8.84 -4.43 -13.09
N ALA A 41 -7.82 -4.08 -13.85
CA ALA A 41 -7.58 -2.66 -14.15
C ALA A 41 -8.61 -2.12 -15.14
N LYS A 42 -9.02 -0.88 -14.96
CA LYS A 42 -10.01 -0.27 -15.87
C LYS A 42 -9.29 0.08 -17.16
N SER A 43 -8.07 0.55 -17.02
CA SER A 43 -7.30 0.93 -18.19
C SER A 43 -5.81 0.65 -18.03
N LEU A 44 -5.00 1.55 -18.56
CA LEU A 44 -3.56 1.39 -18.51
C LEU A 44 -3.00 2.05 -17.25
N ARG A 45 -3.71 3.03 -16.73
CA ARG A 45 -3.30 3.80 -15.55
C ARG A 45 -3.76 3.10 -14.30
N GLY A 46 -2.86 2.40 -13.59
CA GLY A 46 -3.33 1.67 -12.42
C GLY A 46 -2.64 1.62 -11.08
N THR A 47 -2.70 2.69 -10.30
CA THR A 47 -2.10 2.64 -8.98
C THR A 47 -3.13 2.84 -7.83
N ASP A 48 -4.10 3.71 -8.03
CA ASP A 48 -5.12 4.02 -7.02
C ASP A 48 -6.30 3.07 -7.15
N ARG A 49 -7.09 2.97 -6.09
CA ARG A 49 -8.26 2.09 -6.12
C ARG A 49 -9.18 2.41 -7.30
N LYS A 50 -9.35 3.69 -7.58
CA LYS A 50 -10.24 4.11 -8.67
C LYS A 50 -9.76 3.69 -10.04
N HIS A 51 -8.53 3.20 -10.13
CA HIS A 51 -8.00 2.75 -11.41
C HIS A 51 -8.41 1.33 -11.72
N TYR A 52 -9.11 0.70 -10.78
CA TYR A 52 -9.56 -0.68 -10.95
C TYR A 52 -11.07 -0.78 -10.89
N LYS A 53 -11.60 -1.84 -11.50
CA LYS A 53 -13.03 -2.04 -11.59
C LYS A 53 -13.76 -2.14 -10.27
N SER A 54 -15.07 -1.89 -10.34
CA SER A 54 -15.94 -1.92 -9.18
C SER A 54 -16.51 -3.31 -8.91
N THR A 55 -16.59 -4.14 -9.95
CA THR A 55 -17.10 -5.49 -9.78
C THR A 55 -15.92 -6.46 -9.82
N PRO A 56 -15.81 -7.35 -8.82
CA PRO A 56 -14.67 -8.26 -8.85
C PRO A 56 -14.71 -9.29 -9.97
N GLY A 57 -13.54 -9.60 -10.51
CA GLY A 57 -13.44 -10.55 -11.61
C GLY A 57 -13.13 -11.96 -11.16
N LYS A 58 -12.58 -12.07 -9.94
CA LYS A 58 -12.25 -13.36 -9.35
C LYS A 58 -12.52 -13.28 -7.87
N LYS A 59 -12.87 -14.40 -7.28
CA LYS A 59 -13.16 -14.48 -5.83
C LYS A 59 -12.65 -15.85 -5.40
N VAL A 60 -11.65 -15.87 -4.52
CA VAL A 60 -11.02 -17.12 -4.11
C VAL A 60 -10.78 -17.31 -2.60
N SER A 61 -11.28 -18.39 -2.05
CA SER A 61 -11.05 -18.66 -0.63
C SER A 61 -9.65 -19.25 -0.48
N ILE A 62 -8.86 -18.73 0.45
CA ILE A 62 -7.52 -19.27 0.62
C ILE A 62 -7.36 -20.02 1.95
N VAL A 63 -8.47 -20.49 2.52
CA VAL A 63 -8.38 -21.28 3.75
C VAL A 63 -7.58 -22.54 3.43
N GLY A 64 -6.54 -22.81 4.21
CA GLY A 64 -5.72 -23.99 4.00
C GLY A 64 -4.64 -23.81 2.96
N TRP A 65 -4.50 -22.62 2.42
CA TRP A 65 -3.46 -22.36 1.43
C TRP A 65 -2.18 -22.06 2.20
N VAL A 67 1.31 -19.31 2.13
CA VAL A 67 1.97 -18.17 1.54
C VAL A 67 3.44 -18.19 2.00
N GLN A 68 4.35 -17.80 1.11
CA GLN A 68 5.79 -17.82 1.40
C GLN A 68 6.47 -16.51 1.02
N LEU A 69 7.49 -16.11 1.79
CA LEU A 69 8.30 -14.92 1.50
C LEU A 69 9.70 -15.43 1.16
N PRO A 70 10.13 -15.28 -0.09
CA PRO A 70 11.47 -15.76 -0.50
C PRO A 70 12.77 -15.08 -0.05
N ASP A 71 12.69 -13.90 0.57
CA ASP A 71 13.91 -13.22 1.03
C ASP A 71 14.96 -13.16 -0.11
N ASP A 72 14.49 -12.74 -1.27
CA ASP A 72 15.28 -12.69 -2.49
C ASP A 72 15.63 -11.25 -2.88
N PRO A 73 16.90 -10.83 -2.68
CA PRO A 73 17.31 -9.45 -3.02
C PRO A 73 17.04 -9.08 -4.46
N GLU A 74 16.95 -10.09 -5.32
CA GLU A 74 16.70 -9.87 -6.73
C GLU A 74 15.25 -9.42 -6.99
N HIS A 75 14.33 -9.91 -6.16
CA HIS A 75 12.89 -9.60 -6.29
C HIS A 75 12.41 -9.35 -4.88
N PRO A 76 12.76 -8.21 -4.28
CA PRO A 76 12.35 -7.94 -2.90
C PRO A 76 10.86 -7.79 -2.56
N ASP A 77 10.04 -7.50 -3.56
CA ASP A 77 8.62 -7.24 -3.35
C ASP A 77 7.69 -8.40 -3.70
N ILE A 78 8.25 -9.61 -3.77
CA ILE A 78 7.45 -10.78 -4.11
C ILE A 78 7.03 -11.63 -2.93
N PHE A 79 5.89 -12.29 -3.09
CA PHE A 79 5.47 -13.31 -2.14
C PHE A 79 4.84 -14.36 -3.04
N GLN A 80 4.85 -15.61 -2.58
CA GLN A 80 4.30 -16.71 -3.37
C GLN A 80 3.09 -17.30 -2.64
N LEU A 81 2.07 -17.69 -3.39
CA LEU A 81 0.86 -18.24 -2.78
C LEU A 81 0.59 -19.59 -3.41
N ASN A 82 0.31 -20.59 -2.58
CA ASN A 82 0.07 -21.96 -3.07
C ASN A 82 -1.24 -22.51 -2.52
N ASN A 83 -2.00 -23.23 -3.35
CA ASN A 83 -3.22 -23.85 -2.84
C ASN A 83 -2.80 -25.11 -2.05
N PRO A 84 -3.74 -25.77 -1.37
CA PRO A 84 -3.40 -26.96 -0.58
C PRO A 84 -2.55 -28.05 -1.21
N ASP A 85 -2.86 -28.47 -2.43
CA ASP A 85 -2.08 -29.53 -3.05
C ASP A 85 -0.90 -29.03 -3.90
N LYS A 86 -0.65 -27.72 -3.81
CA LYS A 86 0.43 -27.05 -4.53
C LYS A 86 0.35 -27.18 -6.04
N GLY A 87 -0.87 -27.39 -6.53
CA GLY A 87 -1.09 -27.52 -7.95
C GLY A 87 -1.35 -26.15 -8.54
N ASN A 88 -1.81 -25.20 -7.72
CA ASN A 88 -2.04 -23.84 -8.21
C ASN A 88 -1.07 -22.98 -7.42
N VAL A 89 -0.12 -22.37 -8.12
CA VAL A 89 0.90 -21.57 -7.47
C VAL A 89 0.98 -20.23 -8.17
N TYR A 90 1.03 -19.14 -7.40
CA TYR A 90 1.12 -17.80 -7.96
C TYR A 90 2.20 -16.95 -7.28
N LYS A 91 2.76 -16.02 -8.02
CA LYS A 91 3.70 -15.08 -7.40
C LYS A 91 3.01 -13.73 -7.52
N PHE A 92 3.26 -12.87 -6.55
CA PHE A 92 2.67 -11.55 -6.54
C PHE A 92 3.76 -10.50 -6.32
N GLN A 93 3.69 -9.40 -7.08
CA GLN A 93 4.62 -8.28 -6.92
C GLN A 93 3.82 -7.22 -6.13
N THR A 94 4.39 -6.67 -5.06
CA THR A 94 3.69 -5.67 -4.27
C THR A 94 4.26 -4.26 -4.41
N GLY A 95 5.42 -4.13 -5.05
CA GLY A 95 6.03 -2.81 -5.17
C GLY A 95 7.08 -2.50 -4.11
N SER A 96 7.06 -3.22 -2.98
CA SER A 96 8.08 -2.97 -1.94
C SER A 96 8.26 -4.16 -0.99
N ARG A 97 9.47 -4.31 -0.45
CA ARG A 97 9.69 -5.39 0.50
C ARG A 97 8.71 -5.19 1.67
N PHE A 98 8.55 -3.94 2.13
CA PHE A 98 7.61 -3.70 3.24
C PHE A 98 6.20 -4.22 2.94
N HIS A 99 5.66 -3.92 1.77
CA HIS A 99 4.32 -4.44 1.50
C HIS A 99 4.29 -5.97 1.30
N ALA A 100 5.38 -6.54 0.81
CA ALA A 100 5.41 -7.99 0.67
C ALA A 100 5.31 -8.61 2.07
N ILE A 101 6.02 -8.04 3.02
CA ILE A 101 5.97 -8.55 4.40
C ILE A 101 4.58 -8.36 4.99
N LEU A 102 3.99 -7.20 4.74
CA LEU A 102 2.65 -6.89 5.27
C LEU A 102 1.62 -7.86 4.69
N TRP A 103 1.62 -8.06 3.37
CA TRP A 103 0.68 -8.99 2.76
C TRP A 103 0.90 -10.40 3.28
N HIS A 104 2.17 -10.80 3.42
CA HIS A 104 2.47 -12.14 3.92
C HIS A 104 1.84 -12.34 5.30
N LYS A 105 1.97 -11.34 6.17
CA LYS A 105 1.41 -11.43 7.51
C LYS A 105 -0.08 -11.72 7.50
N HIS A 106 -0.83 -10.90 6.76
CA HIS A 106 -2.28 -11.03 6.65
C HIS A 106 -2.71 -12.28 5.91
N LEU A 107 -1.96 -12.65 4.88
CA LEU A 107 -2.35 -13.86 4.16
C LEU A 107 -2.07 -15.10 5.01
N ASP A 108 -0.96 -15.10 5.74
CA ASP A 108 -0.62 -16.24 6.58
C ASP A 108 -1.74 -16.44 7.63
N ASP A 109 -2.23 -15.35 8.21
CA ASP A 109 -3.33 -15.46 9.18
C ASP A 109 -4.58 -16.03 8.49
N ALA A 110 -4.92 -15.48 7.33
CA ALA A 110 -6.09 -15.90 6.59
C ALA A 110 -6.07 -17.39 6.21
N CYS A 111 -4.91 -17.90 5.81
CA CYS A 111 -4.79 -19.31 5.42
C CYS A 111 -5.12 -20.21 6.62
N LYS A 112 -4.93 -19.69 7.81
CA LYS A 112 -5.17 -20.45 9.04
C LYS A 112 -6.45 -19.98 9.71
N SER A 113 -7.28 -19.26 8.97
CA SER A 113 -8.51 -18.72 9.54
C SER A 113 -9.72 -19.59 9.25
N SER A 114 -10.92 -19.02 9.38
CA SER A 114 -12.14 -19.80 9.19
C SER A 114 -12.85 -19.74 7.85
N ARG A 115 -13.58 -20.81 7.55
CA ARG A 115 -14.37 -20.91 6.33
C ARG A 115 -15.80 -20.48 6.68
N PRO A 116 -16.45 -19.69 5.80
CA PRO A 116 -17.82 -19.26 6.09
C PRO A 116 -18.78 -20.45 6.09
N PRO B 1 10.81 -0.41 10.18
CA PRO B 1 9.82 0.68 9.99
C PRO B 1 8.43 0.20 10.36
N THR B 2 7.60 1.13 10.79
CA THR B 2 6.22 0.83 11.16
C THR B 2 5.29 0.82 9.96
N GLU B 4 5.23 2.03 5.47
CA GLU B 4 5.91 2.58 4.30
C GLU B 4 4.93 2.57 3.16
N GLY B 5 5.10 3.49 2.22
CA GLY B 5 4.22 3.46 1.08
C GLY B 5 4.31 4.70 0.25
N PRO B 6 3.71 4.68 -0.94
CA PRO B 6 3.72 5.83 -1.82
C PRO B 6 2.62 6.79 -1.39
N LEU B 7 3.00 8.04 -1.13
CA LEU B 7 2.03 9.06 -0.73
C LEU B 7 2.25 10.35 -1.52
N ARG B 8 1.18 11.10 -1.73
CA ARG B 8 1.32 12.42 -2.33
C ARG B 8 1.01 13.38 -1.19
N ARG B 9 1.80 14.46 -1.07
CA ARG B 9 1.58 15.42 0.01
C ARG B 9 1.30 16.80 -0.57
N LYS B 10 0.38 17.52 0.04
CA LYS B 10 0.06 18.90 -0.36
C LYS B 10 0.20 19.76 0.92
N THR B 11 0.93 20.88 0.84
CA THR B 11 1.06 21.74 2.03
C THR B 11 -0.06 22.77 2.03
N LEU B 12 -0.83 22.79 3.12
CA LEU B 12 -1.97 23.71 3.24
C LEU B 12 -1.60 24.97 4.01
N LEU B 13 -0.68 24.81 4.97
CA LEU B 13 -0.18 25.90 5.80
C LEU B 13 1.26 25.60 6.19
N LYS B 14 2.08 26.65 6.12
CA LYS B 14 3.49 26.53 6.45
C LYS B 14 3.76 27.79 7.28
N GLU B 15 4.18 27.59 8.53
CA GLU B 15 4.46 28.71 9.45
C GLU B 15 3.23 29.59 9.60
N GLY B 16 2.05 28.96 9.57
CA GLY B 16 0.81 29.68 9.73
C GLY B 16 0.21 30.39 8.52
N ARG B 17 0.82 30.27 7.37
CA ARG B 17 0.29 30.94 6.17
C ARG B 17 0.18 29.98 4.99
N LYS B 18 -0.79 30.25 4.12
CA LYS B 18 -0.99 29.40 2.94
C LYS B 18 0.12 29.61 1.92
N PRO B 19 0.68 28.52 1.39
CA PRO B 19 1.74 28.68 0.38
C PRO B 19 1.12 29.29 -0.87
N ALA B 20 1.93 29.97 -1.69
CA ALA B 20 1.45 30.59 -2.92
C ALA B 20 0.79 29.50 -3.75
N LEU B 21 1.49 28.38 -3.88
CA LEU B 21 0.95 27.25 -4.62
C LEU B 21 1.03 25.98 -3.81
N SER B 22 -0.13 25.36 -3.58
CA SER B 22 -0.18 24.13 -2.84
C SER B 22 -0.60 23.01 -3.78
N SER B 23 0.38 22.39 -4.42
CA SER B 23 0.14 21.29 -5.33
C SER B 23 0.59 19.99 -4.67
N TRP B 24 0.24 18.87 -5.28
CA TRP B 24 0.62 17.58 -4.73
C TRP B 24 2.05 17.24 -5.16
N THR B 25 2.77 16.57 -4.28
CA THR B 25 4.14 16.12 -4.60
C THR B 25 4.20 14.65 -4.28
N ARG B 26 4.76 13.85 -5.19
CA ARG B 26 4.90 12.40 -5.00
C ARG B 26 6.13 12.00 -4.16
N TYR B 27 5.92 11.12 -3.19
CA TYR B 27 7.01 10.67 -2.31
C TYR B 27 6.81 9.22 -1.91
N TRP B 28 7.91 8.60 -1.48
CA TRP B 28 7.83 7.28 -0.86
C TRP B 28 8.07 7.76 0.58
N VAL B 29 7.18 7.40 1.48
CA VAL B 29 7.27 7.84 2.87
C VAL B 29 7.46 6.64 3.79
N VAL B 30 8.38 6.77 4.73
CA VAL B 30 8.67 5.70 5.69
C VAL B 30 8.46 6.27 7.09
N LEU B 31 7.70 5.57 7.92
CA LEU B 31 7.48 6.02 9.29
C LEU B 31 8.35 5.07 10.11
N SER B 32 9.39 5.63 10.72
CA SER B 32 10.34 4.89 11.54
C SER B 32 10.22 5.50 12.93
N GLY B 33 9.68 4.74 13.89
CA GLY B 33 9.50 5.32 15.21
C GLY B 33 8.48 6.44 15.09
N ALA B 34 8.87 7.67 15.43
CA ALA B 34 7.96 8.79 15.30
C ALA B 34 8.53 9.76 14.26
N THR B 35 9.37 9.24 13.37
CA THR B 35 9.98 10.07 12.35
C THR B 35 9.53 9.69 10.97
N LEU B 36 9.18 10.68 10.17
CA LEU B 36 8.81 10.44 8.80
C LEU B 36 10.02 10.73 7.92
N LEU B 37 10.36 9.80 7.04
CA LEU B 37 11.45 10.03 6.11
C LEU B 37 10.76 10.07 4.77
N TYR B 38 11.11 11.07 3.97
CA TYR B 38 10.53 11.28 2.65
C TYR B 38 11.56 11.08 1.55
N TYR B 39 11.21 10.25 0.56
CA TYR B 39 12.09 10.00 -0.59
C TYR B 39 11.40 10.55 -1.85
N GLY B 40 12.05 11.49 -2.52
CA GLY B 40 11.45 12.06 -3.70
C GLY B 40 11.37 11.12 -4.90
N ALA B 41 10.53 11.45 -5.87
CA ALA B 41 10.38 10.62 -7.05
C ALA B 41 11.59 10.68 -8.00
N LYS B 42 11.84 9.58 -8.72
CA LYS B 42 12.95 9.53 -9.68
C LYS B 42 12.42 9.92 -11.06
N SER B 43 11.14 9.65 -11.29
CA SER B 43 10.49 9.98 -12.58
C SER B 43 9.14 10.65 -12.33
N LEU B 44 8.33 10.76 -13.37
CA LEU B 44 7.02 11.40 -13.26
C LEU B 44 5.88 10.42 -13.00
N ARG B 45 6.18 9.13 -13.07
CA ARG B 45 5.15 8.11 -12.87
C ARG B 45 5.71 6.88 -12.15
N GLY B 46 4.85 6.23 -11.37
CA GLY B 46 5.30 5.03 -10.68
C GLY B 46 5.08 5.11 -9.18
N THR B 47 4.64 4.01 -8.58
CA THR B 47 4.41 3.98 -7.13
C THR B 47 5.14 2.84 -6.42
N ASP B 48 6.06 2.15 -7.11
CA ASP B 48 6.84 1.08 -6.49
C ASP B 48 8.02 1.76 -5.76
N ARG B 49 8.61 1.08 -4.78
CA ARG B 49 9.71 1.66 -4.04
C ARG B 49 10.83 2.13 -4.99
N LYS B 50 11.10 1.35 -6.03
CA LYS B 50 12.15 1.66 -7.00
C LYS B 50 11.93 2.95 -7.80
N HIS B 51 10.71 3.49 -7.80
CA HIS B 51 10.43 4.72 -8.51
C HIS B 51 10.81 5.94 -7.67
N TYR B 52 11.39 5.72 -6.48
CA TYR B 52 11.76 6.81 -5.60
C TYR B 52 13.24 6.74 -5.19
N LYS B 53 13.81 7.87 -4.82
CA LYS B 53 15.23 7.94 -4.46
C LYS B 53 15.68 7.09 -3.27
N SER B 54 16.99 6.85 -3.19
CA SER B 54 17.56 6.04 -2.13
C SER B 54 17.91 6.82 -0.88
N THR B 55 18.13 8.12 -1.04
CA THR B 55 18.45 8.97 0.10
C THR B 55 17.27 9.89 0.38
N PRO B 56 16.84 10.00 1.65
CA PRO B 56 15.70 10.87 1.97
C PRO B 56 15.99 12.35 1.82
N GLY B 57 15.01 13.06 1.26
CA GLY B 57 15.12 14.49 1.05
C GLY B 57 14.54 15.29 2.19
N LYS B 58 13.80 14.63 3.07
CA LYS B 58 13.22 15.29 4.24
C LYS B 58 13.13 14.28 5.38
N LYS B 59 13.28 14.76 6.61
CA LYS B 59 13.20 13.91 7.79
C LYS B 59 12.48 14.77 8.82
N VAL B 60 11.33 14.30 9.29
CA VAL B 60 10.53 15.07 10.25
C VAL B 60 9.95 14.26 11.40
N SER B 61 10.23 14.71 12.62
CA SER B 61 9.69 14.03 13.80
C SER B 61 8.24 14.50 13.98
N ILE B 62 7.31 13.58 14.22
CA ILE B 62 5.93 13.97 14.42
C ILE B 62 5.42 13.74 15.83
N VAL B 63 6.33 13.70 16.80
CA VAL B 63 5.93 13.54 18.20
C VAL B 63 5.08 14.75 18.57
N GLY B 64 3.91 14.48 19.14
CA GLY B 64 3.00 15.53 19.54
C GLY B 64 2.16 16.16 18.44
N TRP B 65 2.31 15.69 17.20
CA TRP B 65 1.51 16.22 16.09
C TRP B 65 0.11 15.61 16.18
N VAL B 67 -3.08 13.79 13.71
CA VAL B 67 -3.45 13.31 12.38
C VAL B 67 -4.98 13.13 12.41
N GLN B 68 -5.64 13.44 11.29
CA GLN B 68 -7.09 13.38 11.20
C GLN B 68 -7.53 12.65 9.93
N LEU B 69 -8.67 11.95 10.01
CA LEU B 69 -9.26 11.24 8.85
C LEU B 69 -10.61 11.89 8.60
N PRO B 70 -10.74 12.67 7.51
CA PRO B 70 -11.99 13.38 7.15
C PRO B 70 -13.29 12.68 6.76
N ASP B 71 -13.27 11.38 6.47
CA ASP B 71 -14.51 10.68 6.09
C ASP B 71 -15.29 11.49 5.03
N ASP B 72 -14.57 11.85 3.99
CA ASP B 72 -15.07 12.66 2.88
C ASP B 72 -15.17 11.82 1.62
N PRO B 73 -16.40 11.48 1.19
CA PRO B 73 -16.53 10.66 -0.02
C PRO B 73 -15.98 11.27 -1.30
N GLU B 74 -15.78 12.58 -1.30
CA GLU B 74 -15.21 13.28 -2.45
C GLU B 74 -13.72 12.98 -2.59
N HIS B 75 -13.05 12.76 -1.45
CA HIS B 75 -11.60 12.47 -1.41
C HIS B 75 -11.44 11.33 -0.39
N PRO B 76 -11.82 10.11 -0.78
CA PRO B 76 -11.74 8.95 0.11
C PRO B 76 -10.39 8.51 0.64
N ASP B 77 -9.32 8.89 -0.04
CA ASP B 77 -8.00 8.41 0.32
C ASP B 77 -7.13 9.44 1.02
N ILE B 78 -7.75 10.42 1.67
CA ILE B 78 -6.97 11.48 2.27
C ILE B 78 -6.91 11.43 3.78
N PHE B 79 -5.79 11.91 4.31
CA PHE B 79 -5.68 12.13 5.75
C PHE B 79 -4.94 13.45 5.90
N GLN B 80 -5.12 14.10 7.05
CA GLN B 80 -4.49 15.39 7.27
C GLN B 80 -3.56 15.31 8.46
N LEU B 81 -2.42 16.01 8.36
CA LEU B 81 -1.44 15.99 9.43
C LEU B 81 -1.14 17.41 9.86
N ASN B 82 -1.12 17.67 11.17
CA ASN B 82 -0.83 19.04 11.66
C ASN B 82 0.24 19.02 12.74
N ASN B 83 1.13 20.02 12.74
CA ASN B 83 2.13 20.09 13.81
C ASN B 83 1.38 20.63 15.07
N PRO B 84 2.03 20.63 16.25
CA PRO B 84 1.36 21.09 17.47
C PRO B 84 0.63 22.44 17.46
N ASP B 85 1.25 23.48 16.91
CA ASP B 85 0.57 24.77 16.88
C ASP B 85 -0.31 24.97 15.66
N LYS B 86 -0.50 23.90 14.88
CA LYS B 86 -1.33 23.93 13.67
C LYS B 86 -0.88 24.97 12.66
N GLY B 87 0.41 25.31 12.72
CA GLY B 87 0.97 26.27 11.79
C GLY B 87 1.44 25.57 10.53
N ASN B 88 1.78 24.28 10.65
CA ASN B 88 2.22 23.49 9.50
C ASN B 88 1.14 22.42 9.35
N VAL B 89 0.43 22.45 8.21
CA VAL B 89 -0.67 21.54 8.01
C VAL B 89 -0.54 20.93 6.63
N TYR B 90 -0.71 19.62 6.53
CA TYR B 90 -0.56 18.90 5.26
C TYR B 90 -1.69 17.91 5.00
N LYS B 91 -2.01 17.71 3.75
CA LYS B 91 -2.95 16.67 3.36
C LYS B 91 -2.12 15.64 2.60
N PHE B 92 -2.51 14.38 2.73
CA PHE B 92 -1.82 13.29 2.07
C PHE B 92 -2.83 12.46 1.32
N GLN B 93 -2.50 12.03 0.09
CA GLN B 93 -3.36 11.14 -0.68
C GLN B 93 -2.64 9.79 -0.67
N THR B 94 -3.37 8.70 -0.42
CA THR B 94 -2.78 7.37 -0.34
C THR B 94 -3.17 6.42 -1.47
N GLY B 95 -4.15 6.83 -2.28
CA GLY B 95 -4.62 5.96 -3.34
C GLY B 95 -5.87 5.16 -2.96
N SER B 96 -6.12 4.97 -1.67
CA SER B 96 -7.33 4.23 -1.27
C SER B 96 -7.78 4.54 0.16
N ARG B 97 -9.06 4.40 0.40
CA ARG B 97 -9.56 4.64 1.74
C ARG B 97 -8.86 3.70 2.72
N PHE B 98 -8.69 2.43 2.34
CA PHE B 98 -8.05 1.48 3.23
C PHE B 98 -6.67 1.98 3.64
N HIS B 99 -5.85 2.39 2.67
CA HIS B 99 -4.54 2.87 3.06
C HIS B 99 -4.60 4.17 3.87
N ALA B 100 -5.60 5.01 3.64
CA ALA B 100 -5.71 6.22 4.45
C ALA B 100 -5.98 5.79 5.91
N ILE B 101 -6.85 4.80 6.09
CA ILE B 101 -7.16 4.33 7.45
C ILE B 101 -5.94 3.70 8.10
N LEU B 102 -5.18 2.91 7.34
CA LEU B 102 -3.99 2.24 7.84
C LEU B 102 -2.93 3.28 8.24
N TRP B 103 -2.66 4.25 7.36
CA TRP B 103 -1.69 5.28 7.70
C TRP B 103 -2.16 6.06 8.92
N HIS B 104 -3.46 6.38 8.97
CA HIS B 104 -3.93 7.15 10.09
C HIS B 104 -3.64 6.43 11.40
N LYS B 105 -3.88 5.12 11.42
CA LYS B 105 -3.62 4.35 12.64
C LYS B 105 -2.17 4.44 13.10
N HIS B 106 -1.22 4.14 12.21
CA HIS B 106 0.17 4.19 12.56
C HIS B 106 0.66 5.60 12.86
N LEU B 107 0.12 6.59 12.15
CA LEU B 107 0.57 7.95 12.43
C LEU B 107 0.02 8.40 13.78
N ASP B 108 -1.22 8.05 14.08
CA ASP B 108 -1.81 8.41 15.35
C ASP B 108 -0.98 7.82 16.52
N ASP B 109 -0.55 6.56 16.38
CA ASP B 109 0.30 5.94 17.42
C ASP B 109 1.59 6.75 17.56
N ALA B 110 2.22 7.10 16.43
CA ALA B 110 3.47 7.87 16.47
C ALA B 110 3.30 9.25 17.10
N CYS B 111 2.24 9.98 16.72
CA CYS B 111 1.99 11.31 17.27
C CYS B 111 1.84 11.25 18.78
N LYS B 112 1.29 10.14 19.26
CA LYS B 112 1.05 9.96 20.69
C LYS B 112 2.14 9.21 21.44
N SER B 113 3.24 8.87 20.79
CA SER B 113 4.33 8.17 21.46
C SER B 113 5.13 9.20 22.27
N SER B 114 5.86 8.74 23.27
CA SER B 114 6.65 9.66 24.10
C SER B 114 8.12 9.78 23.71
N ARG B 115 8.55 11.01 23.43
CA ARG B 115 9.93 11.33 23.06
C ARG B 115 10.06 12.80 22.66
#